data_4A9I
#
_entry.id   4A9I
#
_cell.length_a   114.232
_cell.length_b   55.531
_cell.length_c   67.975
_cell.angle_alpha   90.00
_cell.angle_beta   94.85
_cell.angle_gamma   90.00
#
_symmetry.space_group_name_H-M   'C 1 2 1'
#
loop_
_entity.id
_entity.type
_entity.pdbx_description
1 polymer 'BROMODOMAIN CONTAINING 2'
2 non-polymer 1-[1-(PYRIDIN-2-YL)INDOLIZIN-3-YL]ETHAN-1-ONE
3 non-polymer 'SULFATE ION'
4 non-polymer 1,2-ETHANEDIOL
5 water water
#
_entity_poly.entity_id   1
_entity_poly.type   'polypeptide(L)'
_entity_poly.pdbx_seq_one_letter_code
;GSSHHHHHHSSGLVPRGSHMSNPKKPGRVTNQLQYLHKVVMKALWKHQFAWPFRQPVDAVKLGLPDYHKIIKQPMDMGTI
KRRLENNYYWAASECMQDFNTMFTNCYIYNKPTDDIVLMAQTLEKIFLQKVASMPQEEQELVVTIPKNSHKKGA
;
_entity_poly.pdbx_strand_id   A,B,C
#
# COMPACT_ATOMS: atom_id res chain seq x y z
N VAL A 29 10.17 -2.75 -15.39
CA VAL A 29 8.72 -2.93 -15.06
C VAL A 29 8.45 -4.33 -14.53
N THR A 30 7.92 -4.41 -13.32
CA THR A 30 7.30 -5.65 -12.84
C THR A 30 5.83 -5.36 -12.49
N ASN A 31 5.10 -6.40 -12.12
CA ASN A 31 3.73 -6.23 -11.64
C ASN A 31 3.65 -5.44 -10.33
N GLN A 32 4.63 -5.69 -9.45
CA GLN A 32 4.71 -5.08 -8.15
C GLN A 32 5.04 -3.59 -8.25
N LEU A 33 5.98 -3.26 -9.12
CA LEU A 33 6.38 -1.87 -9.31
C LEU A 33 5.27 -1.05 -9.95
N GLN A 34 4.48 -1.70 -10.80
CA GLN A 34 3.41 -1.02 -11.49
C GLN A 34 2.25 -0.76 -10.54
N TYR A 35 2.07 -1.67 -9.59
CA TYR A 35 1.11 -1.46 -8.50
C TYR A 35 1.51 -0.26 -7.62
N LEU A 36 2.81 -0.09 -7.41
CA LEU A 36 3.30 1.00 -6.56
C LEU A 36 3.15 2.34 -7.26
N HIS A 37 3.23 2.33 -8.59
CA HIS A 37 3.04 3.54 -9.37
C HIS A 37 1.55 3.91 -9.44
N LYS A 38 0.74 3.00 -9.99
CA LYS A 38 -0.66 3.25 -10.31
C LYS A 38 -1.58 3.29 -9.10
N VAL A 39 -1.26 2.52 -8.07
CA VAL A 39 -2.12 2.43 -6.89
C VAL A 39 -1.56 3.19 -5.68
N VAL A 40 -0.29 2.94 -5.32
CA VAL A 40 0.30 3.53 -4.12
C VAL A 40 0.66 5.00 -4.28
N MET A 41 1.46 5.31 -5.29
CA MET A 41 1.85 6.70 -5.57
C MET A 41 0.68 7.59 -5.97
N LYS A 42 -0.23 7.06 -6.77
CA LYS A 42 -1.45 7.78 -7.17
C LYS A 42 -2.24 8.20 -5.92
N ALA A 43 -2.47 7.25 -5.01
CA ALA A 43 -3.16 7.55 -3.76
C ALA A 43 -2.44 8.64 -2.95
N LEU A 44 -1.13 8.54 -2.83
CA LEU A 44 -0.37 9.43 -1.94
C LEU A 44 -0.08 10.80 -2.53
N TRP A 45 0.29 10.84 -3.81
CA TRP A 45 0.68 12.07 -4.50
C TRP A 45 -0.39 13.16 -4.44
N LYS A 46 -1.65 12.75 -4.58
CA LYS A 46 -2.77 13.68 -4.63
C LYS A 46 -3.42 13.94 -3.27
N HIS A 47 -2.91 13.30 -2.21
CA HIS A 47 -3.49 13.45 -0.88
C HIS A 47 -3.30 14.89 -0.38
N GLN A 48 -4.29 15.41 0.34
CA GLN A 48 -4.23 16.76 0.92
C GLN A 48 -3.04 17.00 1.88
N PHE A 49 -2.42 15.93 2.38
CA PHE A 49 -1.26 16.05 3.27
C PHE A 49 0.05 15.84 2.54
N ALA A 50 -0.02 15.53 1.25
CA ALA A 50 1.17 15.12 0.47
C ALA A 50 2.15 16.25 0.21
N TRP A 51 1.67 17.49 0.29
CA TRP A 51 2.43 18.64 -0.23
C TRP A 51 3.82 18.90 0.39
N PRO A 52 4.01 18.64 1.71
CA PRO A 52 5.37 18.82 2.21
C PRO A 52 6.36 17.75 1.75
N PHE A 53 5.89 16.71 1.08
CA PHE A 53 6.73 15.56 0.69
C PHE A 53 6.92 15.40 -0.80
N ARG A 54 6.34 16.31 -1.59
CA ARG A 54 6.34 16.21 -3.06
C ARG A 54 7.66 16.60 -3.71
N GLN A 55 8.52 17.28 -2.96
CA GLN A 55 9.81 17.77 -3.42
C GLN A 55 10.83 17.59 -2.29
N PRO A 56 12.15 17.56 -2.61
CA PRO A 56 13.20 17.42 -1.61
C PRO A 56 13.14 18.55 -0.58
N VAL A 57 13.46 18.23 0.67
CA VAL A 57 13.51 19.24 1.73
C VAL A 57 14.56 20.29 1.37
N ASP A 58 14.13 21.55 1.24
CA ASP A 58 15.05 22.66 1.01
C ASP A 58 15.32 23.31 2.35
N ALA A 59 16.47 22.96 2.92
CA ALA A 59 16.87 23.37 4.28
C ALA A 59 16.97 24.88 4.41
N VAL A 60 17.50 25.53 3.36
CA VAL A 60 17.67 26.99 3.33
C VAL A 60 16.31 27.70 3.36
N LYS A 61 15.43 27.31 2.43
CA LYS A 61 14.08 27.84 2.33
C LYS A 61 13.24 27.56 3.57
N LEU A 62 13.41 26.38 4.14
CA LEU A 62 12.61 25.99 5.32
C LEU A 62 13.21 26.45 6.64
N GLY A 63 14.44 26.95 6.59
CA GLY A 63 15.13 27.47 7.78
C GLY A 63 15.59 26.37 8.71
N LEU A 64 16.11 25.29 8.14
CA LEU A 64 16.52 24.12 8.92
C LEU A 64 17.99 23.84 8.71
N PRO A 65 18.87 24.60 9.40
CA PRO A 65 20.32 24.55 9.10
C PRO A 65 21.02 23.25 9.50
N ASP A 66 20.36 22.45 10.35
CA ASP A 66 20.93 21.18 10.80
C ASP A 66 20.33 20.00 10.05
N TYR A 67 19.42 20.27 9.10
CA TYR A 67 18.67 19.18 8.50
C TYR A 67 19.57 18.06 7.99
N HIS A 68 20.59 18.41 7.21
CA HIS A 68 21.47 17.43 6.58
C HIS A 68 22.55 16.87 7.53
N LYS A 69 22.71 17.49 8.69
CA LYS A 69 23.57 16.94 9.73
C LYS A 69 22.90 15.74 10.38
N ILE A 70 21.58 15.84 10.55
CA ILE A 70 20.77 14.79 11.15
C ILE A 70 20.26 13.75 10.12
N ILE A 71 19.80 14.21 8.96
CA ILE A 71 19.28 13.32 7.90
C ILE A 71 20.35 13.14 6.82
N LYS A 72 20.86 11.92 6.69
CA LYS A 72 21.96 11.60 5.76
C LYS A 72 21.46 11.03 4.42
N GLN A 73 20.20 10.60 4.39
CA GLN A 73 19.56 10.10 3.17
C GLN A 73 18.23 10.80 2.98
N PRO A 74 18.26 12.01 2.43
CA PRO A 74 16.99 12.67 2.26
C PRO A 74 16.18 11.93 1.18
N MET A 75 14.86 11.88 1.35
CA MET A 75 13.99 11.21 0.39
C MET A 75 12.65 11.94 0.38
N ASP A 76 11.96 11.86 -0.76
CA ASP A 76 10.74 12.61 -1.02
C ASP A 76 9.93 11.94 -2.15
N MET A 77 8.64 12.23 -2.23
CA MET A 77 7.76 11.60 -3.24
C MET A 77 8.10 11.98 -4.68
N GLY A 78 8.62 13.17 -4.90
CA GLY A 78 8.98 13.61 -6.24
C GLY A 78 10.07 12.73 -6.83
N THR A 79 11.10 12.48 -6.01
CA THR A 79 12.19 11.61 -6.39
C THR A 79 11.67 10.21 -6.65
N ILE A 80 10.80 9.70 -5.78
CA ILE A 80 10.28 8.35 -5.94
C ILE A 80 9.45 8.22 -7.24
N LYS A 81 8.54 9.17 -7.46
CA LYS A 81 7.71 9.23 -8.67
C LYS A 81 8.57 9.23 -9.94
N ARG A 82 9.56 10.11 -9.97
CA ARG A 82 10.52 10.18 -11.07
C ARG A 82 11.18 8.81 -11.29
N ARG A 83 11.63 8.20 -10.20
CA ARG A 83 12.30 6.89 -10.26
C ARG A 83 11.43 5.80 -10.85
N LEU A 84 10.14 5.81 -10.51
CA LEU A 84 9.17 4.88 -11.07
C LEU A 84 8.93 5.14 -12.56
N GLU A 85 8.74 6.42 -12.91
CA GLU A 85 8.58 6.82 -14.30
C GLU A 85 9.78 6.41 -15.16
N ASN A 86 10.99 6.62 -14.64
CA ASN A 86 12.24 6.30 -15.35
C ASN A 86 12.73 4.86 -15.20
N ASN A 87 11.90 4.00 -14.60
CA ASN A 87 12.26 2.59 -14.36
C ASN A 87 13.60 2.40 -13.65
N TYR A 88 13.82 3.22 -12.61
CA TYR A 88 15.04 3.19 -11.81
C TYR A 88 15.14 1.91 -10.97
N TYR A 89 14.03 1.49 -10.38
CA TYR A 89 14.03 0.34 -9.47
C TYR A 89 14.06 -1.02 -10.17
N TRP A 90 14.81 -1.95 -9.59
CA TRP A 90 14.89 -3.33 -10.10
C TRP A 90 13.98 -4.27 -9.31
N ALA A 91 13.55 -3.80 -8.14
CA ALA A 91 12.63 -4.54 -7.27
C ALA A 91 11.68 -3.59 -6.54
N ALA A 92 10.52 -4.10 -6.14
CA ALA A 92 9.50 -3.32 -5.46
C ALA A 92 9.87 -3.00 -4.01
N SER A 93 10.66 -3.87 -3.39
CA SER A 93 11.13 -3.64 -2.03
C SER A 93 12.09 -2.45 -1.99
N GLU A 94 12.76 -2.18 -3.12
CA GLU A 94 13.63 -1.00 -3.25
C GLU A 94 12.81 0.29 -3.16
N CYS A 95 11.73 0.35 -3.95
CA CYS A 95 10.83 1.49 -3.94
C CYS A 95 10.11 1.64 -2.60
N MET A 96 9.68 0.51 -2.05
CA MET A 96 9.12 0.48 -0.71
C MET A 96 10.07 1.14 0.32
N GLN A 97 11.37 0.84 0.23
CA GLN A 97 12.37 1.37 1.19
C GLN A 97 12.51 2.88 1.08
N ASP A 98 12.33 3.40 -0.15
CA ASP A 98 12.37 4.85 -0.37
C ASP A 98 11.21 5.54 0.33
N PHE A 99 10.03 4.96 0.21
CA PHE A 99 8.87 5.47 0.94
C PHE A 99 9.10 5.48 2.46
N ASN A 100 9.67 4.39 2.99
CA ASN A 100 9.88 4.26 4.45
C ASN A 100 10.91 5.28 4.98
N THR A 101 12.06 5.37 4.31
CA THR A 101 13.07 6.40 4.52
C THR A 101 12.48 7.82 4.58
N MET A 102 11.69 8.19 3.57
CA MET A 102 11.03 9.49 3.59
C MET A 102 10.25 9.67 4.91
N PHE A 103 9.45 8.67 5.29
CA PHE A 103 8.62 8.82 6.48
C PHE A 103 9.44 8.83 7.78
N THR A 104 10.48 8.00 7.82
CA THR A 104 11.40 7.88 8.94
C THR A 104 12.25 9.14 9.18
N ASN A 105 12.79 9.70 8.09
CA ASN A 105 13.47 11.00 8.11
C ASN A 105 12.62 12.02 8.84
N CYS A 106 11.35 12.08 8.46
CA CYS A 106 10.43 13.01 9.09
C CYS A 106 10.29 12.80 10.61
N TYR A 107 10.09 11.55 11.04
CA TYR A 107 9.90 11.29 12.48
C TYR A 107 11.15 11.57 13.28
N ILE A 108 12.32 11.29 12.70
CA ILE A 108 13.60 11.42 13.38
C ILE A 108 13.99 12.88 13.46
N TYR A 109 13.74 13.64 12.40
CA TYR A 109 14.13 15.03 12.40
C TYR A 109 13.21 15.90 13.23
N ASN A 110 11.90 15.71 13.10
CA ASN A 110 10.97 16.67 13.69
C ASN A 110 10.66 16.44 15.19
N LYS A 111 10.02 17.43 15.82
CA LYS A 111 9.60 17.32 17.21
C LYS A 111 8.33 16.49 17.21
N PRO A 112 8.12 15.69 18.27
CA PRO A 112 6.97 14.80 18.41
C PRO A 112 5.62 15.46 18.18
N THR A 113 5.54 16.74 18.48
CA THR A 113 4.26 17.47 18.47
C THR A 113 4.03 18.22 17.15
N ASP A 114 5.00 18.18 16.24
CA ASP A 114 4.87 18.91 14.98
C ASP A 114 3.74 18.35 14.13
N ASP A 115 2.98 19.23 13.48
CA ASP A 115 1.97 18.81 12.50
C ASP A 115 2.48 17.82 11.45
N ILE A 116 3.69 18.05 10.96
CA ILE A 116 4.29 17.25 9.86
C ILE A 116 4.35 15.75 10.20
N VAL A 117 4.61 15.47 11.47
CA VAL A 117 4.68 14.10 11.97
C VAL A 117 3.31 13.43 11.83
N LEU A 118 2.29 14.19 12.21
CA LEU A 118 0.92 13.79 12.07
C LEU A 118 0.53 13.54 10.61
N MET A 119 1.01 14.41 9.71
CA MET A 119 0.72 14.25 8.27
C MET A 119 1.45 13.03 7.70
N ALA A 120 2.71 12.85 8.11
CA ALA A 120 3.46 11.67 7.70
C ALA A 120 2.78 10.38 8.16
N GLN A 121 2.34 10.35 9.42
CA GLN A 121 1.62 9.17 9.94
C GLN A 121 0.40 8.78 9.11
N THR A 122 -0.37 9.79 8.68
CA THR A 122 -1.59 9.57 7.90
C THR A 122 -1.25 8.94 6.56
N LEU A 123 -0.25 9.50 5.89
CA LEU A 123 0.23 9.03 4.61
C LEU A 123 0.82 7.63 4.73
N GLU A 124 1.58 7.40 5.80
CA GLU A 124 2.21 6.10 6.00
C GLU A 124 1.16 4.99 6.21
N LYS A 125 0.04 5.35 6.83
N LYS A 125 0.04 5.35 6.84
CA LYS A 125 -1.05 4.41 7.06
CA LYS A 125 -1.07 4.43 7.01
C LYS A 125 -1.75 4.01 5.76
C LYS A 125 -1.61 4.00 5.65
N ILE A 126 -1.83 4.93 4.81
N ILE A 126 -1.91 4.96 4.78
CA ILE A 126 -2.39 4.60 3.50
CA ILE A 126 -2.40 4.64 3.45
C ILE A 126 -1.41 3.73 2.72
C ILE A 126 -1.41 3.74 2.71
N PHE A 127 -0.13 4.08 2.79
CA PHE A 127 0.96 3.28 2.21
C PHE A 127 0.84 1.80 2.58
N LEU A 128 0.76 1.53 3.89
CA LEU A 128 0.69 0.16 4.41
C LEU A 128 -0.60 -0.55 4.04
N GLN A 129 -1.71 0.18 4.02
CA GLN A 129 -2.98 -0.36 3.57
C GLN A 129 -2.88 -0.82 2.11
N LYS A 130 -2.33 0.03 1.23
CA LYS A 130 -2.22 -0.35 -0.17
C LYS A 130 -1.22 -1.49 -0.35
N VAL A 131 -0.12 -1.41 0.37
CA VAL A 131 0.96 -2.40 0.27
C VAL A 131 0.48 -3.79 0.70
N ALA A 132 -0.54 -3.86 1.55
CA ALA A 132 -1.13 -5.14 1.96
C ALA A 132 -1.78 -5.92 0.80
N SER A 133 -2.20 -5.21 -0.23
CA SER A 133 -2.91 -5.83 -1.35
C SER A 133 -2.03 -5.89 -2.59
N MET A 134 -0.76 -5.54 -2.43
CA MET A 134 0.22 -5.63 -3.52
C MET A 134 0.46 -7.07 -3.96
N PRO A 135 0.60 -7.30 -5.28
CA PRO A 135 0.98 -8.62 -5.84
C PRO A 135 2.24 -9.23 -5.21
N GLN A 136 2.20 -10.53 -4.90
CA GLN A 136 3.24 -11.24 -4.15
C GLN A 136 4.53 -11.51 -4.91
N GLU A 137 4.40 -11.81 -6.21
CA GLU A 137 5.52 -12.34 -6.98
C GLU A 137 6.04 -11.32 -7.98
N GLU A 138 7.34 -11.01 -7.86
CA GLU A 138 8.00 -10.06 -8.76
C GLU A 138 8.01 -10.53 -10.22
N VAL B 14 -15.19 -11.23 19.50
CA VAL B 14 -15.20 -11.50 18.02
C VAL B 14 -14.26 -10.51 17.28
N PRO B 26 -13.08 -10.21 17.86
CA PRO B 26 -12.29 -9.10 17.30
C PRO B 26 -11.85 -9.35 15.86
N GLY B 27 -11.21 -10.50 15.64
CA GLY B 27 -10.75 -10.86 14.31
C GLY B 27 -10.88 -12.32 13.98
N ARG B 28 -10.06 -12.75 13.03
CA ARG B 28 -10.13 -14.10 12.47
C ARG B 28 -8.72 -14.64 12.13
N VAL B 29 -8.69 -15.71 11.34
CA VAL B 29 -7.44 -16.25 10.78
C VAL B 29 -7.47 -16.09 9.26
N THR B 30 -6.46 -15.44 8.70
CA THR B 30 -6.28 -15.37 7.24
C THR B 30 -4.92 -15.93 6.83
N ASN B 31 -4.68 -15.98 5.52
CA ASN B 31 -3.40 -16.42 4.98
C ASN B 31 -2.29 -15.39 5.25
N GLN B 32 -2.61 -14.12 5.01
CA GLN B 32 -1.68 -13.01 5.26
C GLN B 32 -1.29 -12.87 6.74
N LEU B 33 -2.24 -13.05 7.64
CA LEU B 33 -1.96 -12.98 9.07
C LEU B 33 -1.13 -14.17 9.57
N GLN B 34 -1.29 -15.32 8.93
CA GLN B 34 -0.48 -16.50 9.23
C GLN B 34 0.95 -16.23 8.78
N TYR B 35 1.07 -15.62 7.61
CA TYR B 35 2.34 -15.19 7.06
C TYR B 35 3.03 -14.11 7.91
N LEU B 36 2.28 -13.14 8.42
CA LEU B 36 2.90 -12.09 9.24
C LEU B 36 3.38 -12.68 10.56
N HIS B 37 2.65 -13.68 11.05
CA HIS B 37 3.00 -14.34 12.30
C HIS B 37 4.19 -15.31 12.19
N LYS B 38 4.12 -16.25 11.24
CA LYS B 38 5.10 -17.34 11.13
C LYS B 38 6.33 -16.99 10.32
N VAL B 39 6.22 -16.02 9.43
CA VAL B 39 7.33 -15.68 8.54
C VAL B 39 7.96 -14.32 8.85
N VAL B 40 7.14 -13.29 8.98
CA VAL B 40 7.63 -11.94 9.28
C VAL B 40 8.01 -11.78 10.77
N MET B 41 7.05 -11.97 11.66
CA MET B 41 7.31 -11.82 13.11
C MET B 41 8.43 -12.76 13.61
N LYS B 42 8.43 -14.01 13.16
CA LYS B 42 9.47 -14.98 13.58
C LYS B 42 10.89 -14.49 13.29
N ALA B 43 11.13 -14.04 12.06
CA ALA B 43 12.41 -13.47 11.67
C ALA B 43 12.83 -12.27 12.53
N LEU B 44 11.91 -11.32 12.70
CA LEU B 44 12.20 -10.10 13.44
C LEU B 44 12.50 -10.38 14.91
N TRP B 45 11.74 -11.30 15.48
CA TRP B 45 11.83 -11.66 16.89
C TRP B 45 13.21 -12.17 17.27
N LYS B 46 13.76 -13.04 16.43
CA LYS B 46 15.06 -13.71 16.63
C LYS B 46 16.25 -12.87 16.23
N HIS B 47 15.99 -11.68 15.70
CA HIS B 47 17.05 -10.82 15.20
C HIS B 47 17.85 -10.26 16.39
N GLN B 48 19.14 -10.05 16.18
CA GLN B 48 20.02 -9.58 17.25
C GLN B 48 19.68 -8.17 17.79
N PHE B 49 18.95 -7.38 17.02
CA PHE B 49 18.57 -6.03 17.45
C PHE B 49 17.17 -5.97 18.03
N ALA B 50 16.51 -7.12 18.09
CA ALA B 50 15.10 -7.15 18.48
C ALA B 50 14.85 -6.98 19.98
N TRP B 51 15.83 -7.31 20.80
CA TRP B 51 15.60 -7.34 22.28
C TRP B 51 14.95 -6.09 22.92
N PRO B 52 15.23 -4.87 22.41
CA PRO B 52 14.51 -3.77 23.05
C PRO B 52 13.02 -3.73 22.68
N PHE B 53 12.61 -4.53 21.69
CA PHE B 53 11.25 -4.44 21.15
C PHE B 53 10.34 -5.62 21.52
N ARG B 54 10.82 -6.55 22.35
CA ARG B 54 10.09 -7.81 22.58
C ARG B 54 9.04 -7.72 23.66
N GLN B 55 9.06 -6.63 24.39
CA GLN B 55 8.12 -6.41 25.47
C GLN B 55 7.79 -4.93 25.53
N PRO B 56 6.61 -4.57 26.09
CA PRO B 56 6.28 -3.17 26.31
C PRO B 56 7.43 -2.39 26.97
N VAL B 57 7.49 -1.08 26.74
CA VAL B 57 8.48 -0.23 27.40
C VAL B 57 8.04 0.02 28.85
N ASP B 58 8.88 -0.42 29.78
CA ASP B 58 8.70 -0.08 31.18
C ASP B 58 9.50 1.18 31.43
N ALA B 59 8.79 2.31 31.45
CA ALA B 59 9.42 3.63 31.59
C ALA B 59 10.02 3.85 32.99
N VAL B 60 9.48 3.17 34.00
CA VAL B 60 10.00 3.20 35.38
C VAL B 60 11.34 2.47 35.47
N LYS B 61 11.36 1.19 35.06
CA LYS B 61 12.56 0.37 35.13
C LYS B 61 13.71 0.91 34.29
N LEU B 62 13.40 1.74 33.29
CA LEU B 62 14.41 2.28 32.38
C LEU B 62 14.82 3.70 32.71
N GLY B 63 14.06 4.35 33.57
CA GLY B 63 14.33 5.74 33.92
C GLY B 63 14.01 6.66 32.76
N LEU B 64 12.78 6.57 32.28
CA LEU B 64 12.31 7.43 31.19
C LEU B 64 10.97 8.03 31.59
N PRO B 65 10.97 8.94 32.58
CA PRO B 65 9.70 9.41 33.16
C PRO B 65 8.83 10.20 32.17
N ASP B 66 9.38 10.55 31.02
CA ASP B 66 8.63 11.31 30.01
C ASP B 66 8.09 10.47 28.84
N TYR B 67 8.34 9.16 28.87
CA TYR B 67 7.96 8.31 27.74
C TYR B 67 6.48 8.37 27.42
N HIS B 68 5.65 8.20 28.44
CA HIS B 68 4.21 8.13 28.25
C HIS B 68 3.56 9.49 28.00
N LYS B 69 4.31 10.56 28.27
CA LYS B 69 3.89 11.90 27.92
C LYS B 69 4.12 12.19 26.44
N ILE B 70 5.03 11.44 25.83
CA ILE B 70 5.43 11.65 24.44
C ILE B 70 4.84 10.58 23.53
N ILE B 71 4.87 9.34 24.00
CA ILE B 71 4.34 8.21 23.25
C ILE B 71 2.93 7.88 23.75
N LYS B 72 1.94 8.21 22.94
CA LYS B 72 0.55 8.09 23.34
C LYS B 72 -0.05 6.73 23.03
N GLN B 73 0.60 6.02 22.12
CA GLN B 73 0.17 4.68 21.76
C GLN B 73 1.36 3.71 21.78
N PRO B 74 1.71 3.19 22.99
CA PRO B 74 2.82 2.24 23.08
C PRO B 74 2.52 0.96 22.32
N MET B 75 3.57 0.35 21.77
CA MET B 75 3.44 -0.89 21.00
C MET B 75 4.79 -1.59 20.97
N ASP B 76 4.77 -2.92 20.96
CA ASP B 76 5.98 -3.76 21.02
C ASP B 76 5.65 -5.07 20.34
N MET B 77 6.66 -5.85 19.96
N MET B 77 6.67 -5.84 19.95
CA MET B 77 6.41 -7.13 19.28
CA MET B 77 6.48 -7.14 19.31
C MET B 77 5.78 -8.22 20.17
C MET B 77 5.66 -8.11 20.18
N GLY B 78 5.89 -8.07 21.49
CA GLY B 78 5.21 -8.98 22.42
C GLY B 78 3.69 -8.85 22.33
N THR B 79 3.22 -7.61 22.37
CA THR B 79 1.80 -7.32 22.15
C THR B 79 1.31 -7.81 20.78
N ILE B 80 2.04 -7.53 19.70
CA ILE B 80 1.58 -7.91 18.34
C ILE B 80 1.48 -9.43 18.19
N LYS B 81 2.47 -10.14 18.74
CA LYS B 81 2.54 -11.61 18.75
C LYS B 81 1.34 -12.23 19.48
N ARG B 82 1.04 -11.73 20.67
CA ARG B 82 -0.18 -12.12 21.41
C ARG B 82 -1.47 -11.86 20.63
N ARG B 83 -1.57 -10.69 20.01
CA ARG B 83 -2.74 -10.35 19.22
C ARG B 83 -2.94 -11.31 18.04
N LEU B 84 -1.83 -11.72 17.44
CA LEU B 84 -1.87 -12.70 16.35
C LEU B 84 -2.31 -14.06 16.84
N GLU B 85 -1.84 -14.43 18.04
CA GLU B 85 -2.15 -15.72 18.65
C GLU B 85 -3.61 -15.84 19.12
N ASN B 86 -4.23 -14.69 19.42
CA ASN B 86 -5.63 -14.67 19.89
C ASN B 86 -6.61 -14.15 18.85
N ASN B 87 -6.18 -14.15 17.59
CA ASN B 87 -7.04 -13.74 16.47
C ASN B 87 -7.72 -12.41 16.73
N TYR B 88 -6.90 -11.45 17.15
CA TYR B 88 -7.38 -10.12 17.50
C TYR B 88 -7.52 -9.25 16.25
N TYR B 89 -6.64 -9.48 15.28
CA TYR B 89 -6.69 -8.72 14.05
C TYR B 89 -7.75 -9.26 13.13
N TRP B 90 -8.43 -8.35 12.45
CA TRP B 90 -9.40 -8.75 11.45
C TRP B 90 -8.75 -8.87 10.07
N ALA B 91 -7.84 -7.94 9.76
CA ALA B 91 -7.11 -7.94 8.48
C ALA B 91 -5.62 -7.64 8.64
N ALA B 92 -4.82 -8.08 7.68
CA ALA B 92 -3.36 -7.98 7.71
C ALA B 92 -2.87 -6.58 7.98
N SER B 93 -3.48 -5.61 7.31
CA SER B 93 -3.12 -4.21 7.43
C SER B 93 -3.20 -3.70 8.85
N GLU B 94 -4.14 -4.24 9.64
CA GLU B 94 -4.27 -3.86 11.05
C GLU B 94 -2.99 -4.20 11.81
N CYS B 95 -2.49 -5.42 11.57
CA CYS B 95 -1.25 -5.88 12.18
C CYS B 95 -0.03 -5.09 11.68
N MET B 96 -0.01 -4.78 10.38
CA MET B 96 1.04 -3.94 9.82
C MET B 96 1.10 -2.56 10.47
N GLN B 97 -0.07 -1.98 10.78
N GLN B 97 -0.07 -1.98 10.78
CA GLN B 97 -0.17 -0.68 11.43
CA GLN B 97 -0.20 -0.68 11.43
C GLN B 97 0.49 -0.70 12.81
C GLN B 97 0.44 -0.69 12.83
N ASP B 98 0.24 -1.78 13.56
CA ASP B 98 0.87 -2.01 14.85
C ASP B 98 2.38 -2.10 14.73
N PHE B 99 2.88 -2.80 13.71
CA PHE B 99 4.33 -2.80 13.46
C PHE B 99 4.79 -1.37 13.22
N ASN B 100 4.09 -0.65 12.32
CA ASN B 100 4.51 0.72 12.02
C ASN B 100 4.56 1.64 13.25
N THR B 101 3.54 1.55 14.11
CA THR B 101 3.47 2.31 15.36
C THR B 101 4.64 2.06 16.31
N MET B 102 5.00 0.79 16.50
CA MET B 102 6.16 0.40 17.27
C MET B 102 7.42 1.10 16.73
N PHE B 103 7.64 1.03 15.42
CA PHE B 103 8.83 1.65 14.83
C PHE B 103 8.77 3.17 14.93
N THR B 104 7.59 3.75 14.74
CA THR B 104 7.46 5.21 14.80
C THR B 104 7.67 5.79 16.23
N ASN B 105 7.06 5.19 17.24
CA ASN B 105 7.33 5.56 18.65
C ASN B 105 8.82 5.72 18.92
N CYS B 106 9.60 4.72 18.51
CA CYS B 106 11.05 4.75 18.64
C CYS B 106 11.71 5.96 17.97
N TYR B 107 11.36 6.22 16.71
CA TYR B 107 11.93 7.36 15.98
C TYR B 107 11.51 8.67 16.59
N ILE B 108 10.28 8.73 17.10
CA ILE B 108 9.73 9.96 17.62
C ILE B 108 10.29 10.31 19.00
N TYR B 109 10.42 9.29 19.86
CA TYR B 109 10.87 9.52 21.24
C TYR B 109 12.38 9.72 21.38
N ASN B 110 13.16 8.86 20.74
CA ASN B 110 14.61 8.84 20.92
C ASN B 110 15.37 9.91 20.14
N LYS B 111 16.57 10.23 20.60
CA LYS B 111 17.45 11.18 19.89
C LYS B 111 17.94 10.53 18.59
N PRO B 112 18.06 11.33 17.50
CA PRO B 112 18.50 10.80 16.20
C PRO B 112 19.79 9.98 16.25
N THR B 113 20.68 10.31 17.18
CA THR B 113 21.99 9.68 17.26
C THR B 113 22.00 8.38 18.06
N ASP B 114 20.93 8.11 18.80
CA ASP B 114 20.86 6.92 19.67
C ASP B 114 20.96 5.61 18.89
N ASP B 115 21.61 4.61 19.48
CA ASP B 115 21.76 3.30 18.86
C ASP B 115 20.42 2.65 18.55
N ILE B 116 19.47 2.79 19.47
CA ILE B 116 18.11 2.26 19.32
C ILE B 116 17.44 2.63 17.98
N VAL B 117 17.67 3.86 17.52
CA VAL B 117 17.13 4.35 16.24
C VAL B 117 17.64 3.54 15.06
N LEU B 118 18.93 3.23 15.10
CA LEU B 118 19.59 2.42 14.08
C LEU B 118 19.04 0.99 14.06
N MET B 119 18.87 0.43 15.25
CA MET B 119 18.28 -0.90 15.46
C MET B 119 16.86 -1.04 14.86
N ALA B 120 16.04 -0.03 15.13
CA ALA B 120 14.68 0.03 14.59
C ALA B 120 14.66 0.08 13.05
N GLN B 121 15.50 0.94 12.47
CA GLN B 121 15.62 1.10 11.03
C GLN B 121 15.96 -0.22 10.37
N THR B 122 16.93 -0.93 10.95
CA THR B 122 17.34 -2.25 10.48
C THR B 122 16.16 -3.21 10.51
N LEU B 123 15.46 -3.27 11.63
CA LEU B 123 14.30 -4.15 11.73
C LEU B 123 13.19 -3.76 10.77
N GLU B 124 13.00 -2.45 10.60
CA GLU B 124 11.93 -1.93 9.75
C GLU B 124 12.18 -2.32 8.29
N LYS B 125 13.44 -2.24 7.85
CA LYS B 125 13.83 -2.71 6.51
C LYS B 125 13.49 -4.20 6.28
N ILE B 126 13.85 -5.06 7.23
CA ILE B 126 13.52 -6.49 7.13
C ILE B 126 12.00 -6.71 7.05
N PHE B 127 11.27 -6.05 7.95
CA PHE B 127 9.82 -6.06 7.92
C PHE B 127 9.27 -5.73 6.52
N LEU B 128 9.77 -4.67 5.89
CA LEU B 128 9.30 -4.27 4.56
C LEU B 128 9.67 -5.27 3.49
N GLN B 129 10.91 -5.76 3.54
CA GLN B 129 11.37 -6.84 2.65
C GLN B 129 10.46 -8.05 2.68
N LYS B 130 10.07 -8.49 3.88
CA LYS B 130 9.21 -9.66 4.04
C LYS B 130 7.73 -9.40 3.75
N VAL B 131 7.27 -8.19 4.02
CA VAL B 131 5.90 -7.81 3.69
C VAL B 131 5.68 -7.82 2.16
N ALA B 132 6.73 -7.48 1.41
CA ALA B 132 6.69 -7.50 -0.05
C ALA B 132 6.39 -8.89 -0.62
N SER B 133 6.72 -9.93 0.15
CA SER B 133 6.53 -11.32 -0.27
C SER B 133 5.28 -11.97 0.32
N MET B 134 4.45 -11.17 1.00
CA MET B 134 3.16 -11.64 1.53
C MET B 134 2.19 -11.97 0.38
N PRO B 135 1.38 -13.03 0.54
CA PRO B 135 0.33 -13.40 -0.43
C PRO B 135 -0.62 -12.24 -0.76
N GLN B 136 -0.82 -11.98 -2.05
CA GLN B 136 -1.54 -10.77 -2.52
C GLN B 136 -3.01 -10.67 -2.10
N GLU B 137 -3.73 -11.79 -2.15
CA GLU B 137 -5.15 -11.80 -1.83
C GLU B 137 -5.39 -12.35 -0.42
N GLU B 138 -6.08 -11.56 0.41
CA GLU B 138 -6.40 -11.96 1.78
C GLU B 138 -7.57 -12.94 1.81
N GLN B 139 -7.29 -14.19 2.18
CA GLN B 139 -8.30 -15.25 2.21
C GLN B 139 -8.42 -15.85 3.61
N GLU B 140 -9.64 -15.90 4.13
CA GLU B 140 -9.90 -16.47 5.45
C GLU B 140 -9.76 -17.99 5.46
N THR C 30 -34.52 4.26 -17.20
CA THR C 30 -33.21 3.56 -17.42
C THR C 30 -32.65 3.01 -16.11
N ASN C 31 -33.49 2.31 -15.36
CA ASN C 31 -33.09 1.68 -14.11
C ASN C 31 -31.95 0.68 -14.33
N GLN C 32 -31.83 0.16 -15.57
CA GLN C 32 -30.80 -0.82 -15.92
C GLN C 32 -29.39 -0.23 -15.93
N LEU C 33 -29.21 0.83 -16.72
CA LEU C 33 -27.95 1.57 -16.74
C LEU C 33 -27.63 2.19 -15.39
N GLN C 34 -28.67 2.53 -14.64
CA GLN C 34 -28.57 3.06 -13.29
C GLN C 34 -27.99 1.99 -12.37
N TYR C 35 -28.52 0.78 -12.51
CA TYR C 35 -28.07 -0.39 -11.79
C TYR C 35 -26.62 -0.70 -12.15
N LEU C 36 -26.33 -0.74 -13.46
CA LEU C 36 -24.96 -0.96 -13.92
C LEU C 36 -23.98 0.05 -13.32
N HIS C 37 -24.40 1.30 -13.20
CA HIS C 37 -23.58 2.36 -12.64
C HIS C 37 -23.45 2.25 -11.12
N LYS C 38 -24.60 2.22 -10.43
CA LYS C 38 -24.65 2.30 -8.97
C LYS C 38 -24.36 0.98 -8.25
N VAL C 39 -24.66 -0.14 -8.91
CA VAL C 39 -24.48 -1.46 -8.27
C VAL C 39 -23.28 -2.23 -8.84
N VAL C 40 -23.26 -2.43 -10.15
CA VAL C 40 -22.21 -3.24 -10.78
C VAL C 40 -20.86 -2.53 -10.74
N MET C 41 -20.82 -1.28 -11.20
CA MET C 41 -19.56 -0.55 -11.27
C MET C 41 -18.98 -0.20 -9.89
N LYS C 42 -19.83 0.28 -8.97
CA LYS C 42 -19.37 0.62 -7.62
C LYS C 42 -18.75 -0.57 -6.88
N ALA C 43 -19.33 -1.77 -7.08
CA ALA C 43 -18.79 -3.00 -6.54
C ALA C 43 -17.50 -3.45 -7.26
N LEU C 44 -17.43 -3.23 -8.57
CA LEU C 44 -16.22 -3.61 -9.32
C LEU C 44 -15.07 -2.63 -9.15
N TRP C 45 -15.38 -1.35 -9.20
CA TRP C 45 -14.37 -0.30 -9.15
C TRP C 45 -13.49 -0.33 -7.89
N LYS C 46 -14.10 -0.64 -6.75
CA LYS C 46 -13.37 -0.59 -5.49
C LYS C 46 -12.88 -1.96 -5.04
N HIS C 47 -13.02 -2.96 -5.91
CA HIS C 47 -12.54 -4.29 -5.59
C HIS C 47 -11.02 -4.30 -5.57
N GLN C 48 -10.43 -5.16 -4.74
CA GLN C 48 -8.97 -5.23 -4.63
C GLN C 48 -8.27 -5.69 -5.92
N PHE C 49 -8.99 -6.40 -6.79
CA PHE C 49 -8.43 -6.84 -8.07
C PHE C 49 -8.63 -5.84 -9.22
N ALA C 50 -9.31 -4.74 -8.95
CA ALA C 50 -9.72 -3.78 -9.99
C ALA C 50 -8.59 -2.97 -10.58
N TRP C 51 -7.52 -2.79 -9.82
CA TRP C 51 -6.48 -1.81 -10.15
C TRP C 51 -5.84 -1.92 -11.54
N PRO C 52 -5.64 -3.16 -12.06
CA PRO C 52 -5.07 -3.27 -13.41
C PRO C 52 -6.05 -2.85 -14.51
N PHE C 53 -7.31 -2.62 -14.15
CA PHE C 53 -8.36 -2.35 -15.13
C PHE C 53 -8.98 -0.96 -15.00
N ARG C 54 -8.46 -0.14 -14.07
CA ARG C 54 -9.04 1.19 -13.83
C ARG C 54 -8.68 2.23 -14.89
N GLN C 55 -7.64 1.95 -15.67
CA GLN C 55 -7.18 2.87 -16.71
C GLN C 55 -6.74 2.08 -17.94
N PRO C 56 -6.79 2.73 -19.14
CA PRO C 56 -6.45 2.04 -20.39
C PRO C 56 -5.06 1.43 -20.33
N VAL C 57 -4.88 0.28 -20.97
CA VAL C 57 -3.56 -0.34 -21.10
C VAL C 57 -2.61 0.64 -21.82
N ASP C 58 -1.50 0.98 -21.17
CA ASP C 58 -0.45 1.75 -21.82
C ASP C 58 0.65 0.79 -22.26
N ALA C 59 0.67 0.49 -23.56
CA ALA C 59 1.64 -0.44 -24.14
C ALA C 59 3.09 0.06 -24.06
N VAL C 60 3.29 1.37 -24.16
CA VAL C 60 4.64 1.93 -24.06
C VAL C 60 5.16 1.80 -22.63
N LYS C 61 4.39 2.29 -21.65
CA LYS C 61 4.74 2.25 -20.22
C LYS C 61 4.95 0.85 -19.64
N LEU C 62 4.04 -0.08 -19.96
CA LEU C 62 4.11 -1.46 -19.46
C LEU C 62 5.01 -2.35 -20.30
N GLY C 63 5.55 -1.81 -21.38
CA GLY C 63 6.46 -2.55 -22.26
C GLY C 63 5.78 -3.73 -22.95
N LEU C 64 4.64 -3.44 -23.60
CA LEU C 64 3.91 -4.44 -24.37
C LEU C 64 3.82 -4.00 -25.84
N PRO C 65 4.93 -4.11 -26.59
CA PRO C 65 4.96 -3.54 -27.95
C PRO C 65 3.93 -4.15 -28.91
N ASP C 66 3.46 -5.37 -28.61
CA ASP C 66 2.53 -6.08 -29.50
C ASP C 66 1.06 -5.96 -29.08
N TYR C 67 0.82 -5.31 -27.94
CA TYR C 67 -0.51 -5.24 -27.35
C TYR C 67 -1.61 -4.80 -28.31
N HIS C 68 -1.33 -3.78 -29.12
CA HIS C 68 -2.32 -3.22 -30.04
C HIS C 68 -2.37 -3.92 -31.40
N LYS C 69 -1.36 -4.74 -31.69
CA LYS C 69 -1.38 -5.62 -32.87
C LYS C 69 -2.29 -6.83 -32.62
N ILE C 70 -2.35 -7.26 -31.36
CA ILE C 70 -3.15 -8.42 -30.96
C ILE C 70 -4.57 -8.01 -30.54
N ILE C 71 -4.68 -6.97 -29.72
CA ILE C 71 -5.98 -6.54 -29.21
C ILE C 71 -6.57 -5.41 -30.06
N LYS C 72 -7.72 -5.69 -30.68
CA LYS C 72 -8.38 -4.74 -31.59
C LYS C 72 -9.15 -3.61 -30.91
N GLN C 73 -9.90 -3.92 -29.85
CA GLN C 73 -10.71 -2.91 -29.16
C GLN C 73 -10.35 -2.81 -27.64
N PRO C 74 -9.33 -2.00 -27.32
CA PRO C 74 -8.96 -1.76 -25.91
C PRO C 74 -10.16 -1.29 -25.12
N MET C 75 -10.25 -1.73 -23.87
CA MET C 75 -11.32 -1.30 -22.99
C MET C 75 -10.85 -1.37 -21.55
N ASP C 76 -11.35 -0.46 -20.71
CA ASP C 76 -10.99 -0.41 -19.31
C ASP C 76 -12.17 0.12 -18.50
N MET C 77 -12.18 -0.20 -17.20
CA MET C 77 -13.22 0.28 -16.28
C MET C 77 -13.30 1.79 -16.17
N GLY C 78 -12.19 2.50 -16.38
CA GLY C 78 -12.20 3.95 -16.38
C GLY C 78 -13.04 4.56 -17.51
N THR C 79 -12.95 3.97 -18.70
CA THR C 79 -13.76 4.39 -19.87
C THR C 79 -15.23 4.07 -19.64
N ILE C 80 -15.54 2.84 -19.24
CA ILE C 80 -16.91 2.46 -18.92
C ILE C 80 -17.52 3.41 -17.87
N LYS C 81 -16.79 3.67 -16.80
CA LYS C 81 -17.25 4.56 -15.71
C LYS C 81 -17.55 5.98 -16.21
N ARG C 82 -16.58 6.55 -16.91
CA ARG C 82 -16.77 7.86 -17.54
C ARG C 82 -18.01 7.83 -18.46
N ARG C 83 -18.16 6.77 -19.25
CA ARG C 83 -19.35 6.61 -20.11
C ARG C 83 -20.65 6.50 -19.33
N LEU C 84 -20.62 5.80 -18.19
CA LEU C 84 -21.81 5.74 -17.31
C LEU C 84 -22.15 7.11 -16.73
N GLU C 85 -21.13 7.86 -16.33
CA GLU C 85 -21.29 9.19 -15.75
C GLU C 85 -21.83 10.20 -16.77
N ASN C 86 -21.41 10.06 -18.02
CA ASN C 86 -21.73 11.02 -19.08
C ASN C 86 -22.94 10.62 -19.94
N ASN C 87 -23.71 9.63 -19.49
CA ASN C 87 -24.90 9.15 -20.21
C ASN C 87 -24.62 8.63 -21.63
N TYR C 88 -23.39 8.15 -21.85
CA TYR C 88 -22.96 7.70 -23.18
C TYR C 88 -23.77 6.53 -23.73
N TYR C 89 -24.05 5.53 -22.87
CA TYR C 89 -24.65 4.27 -23.32
C TYR C 89 -26.10 4.44 -23.72
N TRP C 90 -26.44 3.80 -24.84
CA TRP C 90 -27.77 3.83 -25.42
C TRP C 90 -28.63 2.77 -24.73
N ALA C 91 -28.02 1.63 -24.42
CA ALA C 91 -28.71 0.51 -23.77
C ALA C 91 -27.75 -0.22 -22.84
N ALA C 92 -28.30 -0.95 -21.87
CA ALA C 92 -27.49 -1.69 -20.90
C ALA C 92 -26.58 -2.69 -21.58
N SER C 93 -27.06 -3.26 -22.69
CA SER C 93 -26.33 -4.29 -23.43
C SER C 93 -24.97 -3.78 -23.90
N GLU C 94 -24.91 -2.49 -24.24
CA GLU C 94 -23.68 -1.85 -24.70
C GLU C 94 -22.61 -1.70 -23.60
N CYS C 95 -23.07 -1.46 -22.37
CA CYS C 95 -22.18 -1.38 -21.22
C CYS C 95 -21.67 -2.79 -20.90
N MET C 96 -22.58 -3.76 -21.02
CA MET C 96 -22.24 -5.16 -20.75
C MET C 96 -21.17 -5.64 -21.71
N GLN C 97 -21.30 -5.25 -22.99
N GLN C 97 -21.27 -5.27 -22.99
CA GLN C 97 -20.33 -5.63 -24.03
CA GLN C 97 -20.28 -5.71 -23.97
C GLN C 97 -18.96 -5.05 -23.75
C GLN C 97 -18.92 -5.05 -23.74
N ASP C 98 -18.93 -3.84 -23.19
CA ASP C 98 -17.67 -3.15 -22.86
C ASP C 98 -16.93 -3.84 -21.70
N PHE C 99 -17.65 -4.23 -20.67
CA PHE C 99 -17.04 -5.06 -19.59
C PHE C 99 -16.51 -6.35 -20.19
N ASN C 100 -17.32 -6.96 -21.05
CA ASN C 100 -16.95 -8.21 -21.69
C ASN C 100 -15.67 -8.10 -22.49
N THR C 101 -15.60 -7.06 -23.32
CA THR C 101 -14.42 -6.79 -24.14
C THR C 101 -13.20 -6.58 -23.26
N MET C 102 -13.34 -5.73 -22.25
CA MET C 102 -12.25 -5.57 -21.26
C MET C 102 -11.70 -6.91 -20.80
N PHE C 103 -12.57 -7.78 -20.28
CA PHE C 103 -12.14 -9.10 -19.79
C PHE C 103 -11.55 -9.98 -20.87
N THR C 104 -12.27 -10.12 -22.00
CA THR C 104 -11.76 -10.91 -23.13
C THR C 104 -10.40 -10.43 -23.61
N ASN C 105 -10.18 -9.13 -23.71
CA ASN C 105 -8.81 -8.69 -24.09
C ASN C 105 -7.75 -9.25 -23.15
N CYS C 106 -8.08 -9.30 -21.87
CA CYS C 106 -7.13 -9.76 -20.85
C CYS C 106 -6.80 -11.24 -21.10
N TYR C 107 -7.85 -12.05 -21.17
CA TYR C 107 -7.69 -13.49 -21.46
C TYR C 107 -6.93 -13.78 -22.73
N ILE C 108 -7.19 -13.00 -23.77
CA ILE C 108 -6.62 -13.28 -25.09
C ILE C 108 -5.13 -12.94 -25.13
N TYR C 109 -4.78 -11.81 -24.52
CA TYR C 109 -3.43 -11.29 -24.62
C TYR C 109 -2.45 -11.95 -23.64
N ASN C 110 -2.91 -12.15 -22.41
CA ASN C 110 -2.03 -12.59 -21.33
C ASN C 110 -1.79 -14.08 -21.27
N LYS C 111 -0.67 -14.48 -20.68
CA LYS C 111 -0.38 -15.90 -20.43
C LYS C 111 -1.41 -16.52 -19.49
N PRO C 112 -1.84 -17.76 -19.76
CA PRO C 112 -2.84 -18.42 -18.92
C PRO C 112 -2.45 -18.44 -17.43
N THR C 113 -1.15 -18.55 -17.16
CA THR C 113 -0.64 -18.62 -15.79
C THR C 113 -0.44 -17.25 -15.14
N ASP C 114 -0.59 -16.17 -15.91
CA ASP C 114 -0.51 -14.81 -15.37
C ASP C 114 -1.57 -14.53 -14.32
N ASP C 115 -1.15 -13.85 -13.24
CA ASP C 115 -2.03 -13.44 -12.14
C ASP C 115 -3.22 -12.57 -12.61
N ILE C 116 -2.95 -11.66 -13.56
CA ILE C 116 -4.00 -10.83 -14.15
C ILE C 116 -5.22 -11.64 -14.62
N VAL C 117 -4.96 -12.83 -15.18
CA VAL C 117 -5.99 -13.73 -15.67
C VAL C 117 -6.90 -14.19 -14.53
N LEU C 118 -6.31 -14.48 -13.37
CA LEU C 118 -7.07 -14.89 -12.19
C LEU C 118 -7.92 -13.75 -11.65
N MET C 119 -7.35 -12.55 -11.66
CA MET C 119 -8.03 -11.32 -11.25
C MET C 119 -9.22 -11.01 -12.17
N ALA C 120 -9.01 -11.07 -13.48
CA ALA C 120 -10.09 -10.85 -14.46
C ALA C 120 -11.22 -11.87 -14.22
N GLN C 121 -10.85 -13.14 -14.05
CA GLN C 121 -11.80 -14.19 -13.71
C GLN C 121 -12.68 -13.88 -12.51
N THR C 122 -12.07 -13.42 -11.42
CA THR C 122 -12.83 -13.08 -10.21
C THR C 122 -13.79 -11.94 -10.48
N LEU C 123 -13.29 -10.88 -11.11
CA LEU C 123 -14.12 -9.72 -11.41
C LEU C 123 -15.29 -10.08 -12.35
N GLU C 124 -15.02 -10.93 -13.34
CA GLU C 124 -16.05 -11.31 -14.29
C GLU C 124 -17.14 -12.11 -13.61
N LYS C 125 -16.77 -13.01 -12.71
CA LYS C 125 -17.76 -13.76 -11.93
C LYS C 125 -18.65 -12.83 -11.12
N ILE C 126 -18.05 -11.83 -10.50
CA ILE C 126 -18.82 -10.84 -9.75
C ILE C 126 -19.73 -10.05 -10.69
N PHE C 127 -19.15 -9.51 -11.76
CA PHE C 127 -19.92 -8.85 -12.83
C PHE C 127 -21.17 -9.65 -13.22
N LEU C 128 -20.98 -10.92 -13.59
CA LEU C 128 -22.08 -11.74 -14.04
C LEU C 128 -23.14 -12.00 -12.98
N GLN C 129 -22.70 -12.27 -11.76
CA GLN C 129 -23.60 -12.40 -10.62
C GLN C 129 -24.48 -11.15 -10.51
N LYS C 130 -23.88 -9.98 -10.52
CA LYS C 130 -24.65 -8.75 -10.39
C LYS C 130 -25.59 -8.56 -11.58
N VAL C 131 -25.11 -8.89 -12.78
CA VAL C 131 -25.93 -8.77 -13.99
C VAL C 131 -27.19 -9.66 -13.92
N ALA C 132 -27.06 -10.86 -13.37
CA ALA C 132 -28.19 -11.77 -13.22
C ALA C 132 -29.38 -11.14 -12.47
N SER C 133 -29.09 -10.19 -11.57
CA SER C 133 -30.11 -9.54 -10.75
C SER C 133 -30.59 -8.19 -11.28
N MET C 134 -30.01 -7.74 -12.39
CA MET C 134 -30.36 -6.48 -13.01
C MET C 134 -31.87 -6.40 -13.27
N PRO C 135 -32.50 -5.25 -12.98
CA PRO C 135 -33.93 -5.07 -13.26
C PRO C 135 -34.25 -5.18 -14.75
N GLN C 136 -35.46 -5.61 -15.07
CA GLN C 136 -35.93 -5.68 -16.46
C GLN C 136 -36.94 -4.59 -16.75
#